data_1V8F
#
_entry.id   1V8F
#
_cell.length_a   88.514
_cell.length_b   88.514
_cell.length_c   266.720
_cell.angle_alpha   90.00
_cell.angle_beta   90.00
_cell.angle_gamma   120.00
#
_symmetry.space_group_name_H-M   'P 61 2 2'
#
loop_
_entity.id
_entity.type
_entity.pdbx_description
1 polymer 'Pantoate-beta-alanine ligase'
2 non-polymer 'CHLORIDE ION'
3 non-polymer TRIS-HYDROXYMETHYL-METHYL-AMMONIUM
4 non-polymer 'HEXAETHYLENE GLYCOL'
5 non-polymer GLYCEROL
6 water water
#
_entity_poly.entity_id   1
_entity_poly.type   'polypeptide(L)'
_entity_poly.pdbx_seq_one_letter_code
;MRTVSTVAELRAALPREGVGFVPTMGYLHRGHLALVERARRENPFVVVSVFVNPLQFGPGEDYHRYPRDLERDRALLQEA
GVDLLFAPGVEEMYPEGFATRVQVEGPLTALWEGAVRPGHFQGVATVVARLFLLVQPQRAYFGEKDYQQLLVVRRMVRDL
GFPVEVVGVPTVREEDGLALSSRNVYLSPETRKKAPVLYRALLAMREVAGQGGSVAEALRAGEEALRAVPEFRKDYLAIV
HPETLLPLSDWVAGARGIVAGRFPEARLIDNLEVYP
;
_entity_poly.pdbx_strand_id   A,B
#
# COMPACT_ATOMS: atom_id res chain seq x y z
N MET A 1 12.80 -5.89 28.71
CA MET A 1 12.44 -5.46 27.32
C MET A 1 13.64 -5.40 26.40
N ARG A 2 13.39 -5.71 25.14
CA ARG A 2 14.46 -5.67 24.15
C ARG A 2 14.26 -4.58 23.11
N THR A 3 15.35 -3.90 22.77
CA THR A 3 15.33 -2.84 21.78
C THR A 3 16.09 -3.23 20.52
N VAL A 4 15.44 -3.11 19.37
CA VAL A 4 16.06 -3.44 18.10
C VAL A 4 15.93 -2.27 17.14
N SER A 5 16.90 -2.11 16.26
CA SER A 5 16.87 -0.99 15.32
C SER A 5 16.92 -1.44 13.87
N THR A 6 16.94 -2.75 13.64
CA THR A 6 16.97 -3.26 12.27
C THR A 6 15.81 -4.20 12.01
N VAL A 7 15.35 -4.25 10.78
CA VAL A 7 14.25 -5.12 10.39
C VAL A 7 14.60 -6.59 10.63
N ALA A 8 15.88 -6.93 10.45
CA ALA A 8 16.33 -8.30 10.64
C ALA A 8 16.17 -8.76 12.09
N GLU A 9 16.60 -7.93 13.03
CA GLU A 9 16.49 -8.26 14.45
C GLU A 9 15.01 -8.32 14.83
N LEU A 10 14.22 -7.42 14.25
CA LEU A 10 12.78 -7.35 14.53
C LEU A 10 12.07 -8.64 14.14
N ARG A 11 12.19 -9.02 12.88
CA ARG A 11 11.53 -10.22 12.38
C ARG A 11 11.95 -11.47 13.15
N ALA A 12 13.22 -11.53 13.55
CA ALA A 12 13.74 -12.68 14.29
C ALA A 12 13.19 -12.77 15.71
N ALA A 13 12.82 -11.64 16.30
CA ALA A 13 12.31 -11.61 17.67
C ALA A 13 10.79 -11.70 17.80
N LEU A 14 10.09 -11.61 16.68
CA LEU A 14 8.62 -11.65 16.70
C LEU A 14 7.98 -13.02 16.68
N PRO A 15 6.98 -13.23 17.56
CA PRO A 15 6.28 -14.52 17.60
C PRO A 15 5.30 -14.48 16.44
N ARG A 16 4.74 -15.63 16.09
CA ARG A 16 3.81 -15.70 14.97
C ARG A 16 2.39 -15.28 15.34
N GLU A 17 2.05 -15.35 16.62
CA GLU A 17 0.71 -14.99 17.08
C GLU A 17 0.76 -14.16 18.38
N GLY A 18 -0.39 -13.62 18.76
CA GLY A 18 -0.50 -12.83 19.99
C GLY A 18 0.26 -11.53 20.09
N VAL A 19 0.47 -10.85 18.97
CA VAL A 19 1.18 -9.58 19.00
C VAL A 19 0.29 -8.35 19.04
N GLY A 20 0.50 -7.52 20.05
CA GLY A 20 -0.24 -6.27 20.21
C GLY A 20 0.77 -5.21 19.83
N PHE A 21 0.38 -4.28 18.95
CA PHE A 21 1.31 -3.26 18.46
C PHE A 21 0.88 -1.81 18.66
N VAL A 22 1.82 -0.99 19.12
CA VAL A 22 1.57 0.44 19.33
C VAL A 22 2.60 1.31 18.57
N PRO A 23 2.23 1.83 17.38
CA PRO A 23 3.17 2.68 16.65
C PRO A 23 3.20 4.10 17.21
N THR A 24 4.39 4.67 17.38
CA THR A 24 4.52 6.03 17.91
C THR A 24 5.69 6.77 17.30
N MET A 25 5.77 8.08 17.52
CA MET A 25 6.89 8.87 17.02
C MET A 25 7.80 9.28 18.18
N GLY A 26 7.72 8.54 19.28
CA GLY A 26 8.59 8.81 20.42
C GLY A 26 8.24 9.95 21.34
N TYR A 27 9.15 10.21 22.28
CA TYR A 27 8.99 11.25 23.30
C TYR A 27 7.65 10.95 23.95
N LEU A 28 7.57 9.74 24.49
CA LEU A 28 6.36 9.22 25.09
C LEU A 28 5.87 9.89 26.37
N HIS A 29 4.55 9.91 26.52
CA HIS A 29 3.90 10.49 27.69
C HIS A 29 2.83 9.52 28.20
N ARG A 30 2.12 9.91 29.25
CA ARG A 30 1.08 9.08 29.86
C ARG A 30 0.07 8.54 28.85
N GLY A 31 -0.21 9.32 27.82
CA GLY A 31 -1.16 8.91 26.80
C GLY A 31 -0.70 7.68 26.05
N HIS A 32 0.58 7.65 25.71
CA HIS A 32 1.13 6.51 25.01
C HIS A 32 1.04 5.30 25.93
N LEU A 33 1.32 5.50 27.21
CA LEU A 33 1.29 4.42 28.19
C LEU A 33 -0.09 3.78 28.30
N ALA A 34 -1.14 4.55 28.04
CA ALA A 34 -2.51 4.03 28.10
C ALA A 34 -2.68 3.04 26.96
N LEU A 35 -2.11 3.37 25.80
CA LEU A 35 -2.18 2.50 24.63
C LEU A 35 -1.41 1.23 24.95
N VAL A 36 -0.25 1.38 25.56
CA VAL A 36 0.59 0.23 25.91
C VAL A 36 -0.06 -0.68 26.93
N GLU A 37 -0.72 -0.11 27.94
CA GLU A 37 -1.37 -0.94 28.95
C GLU A 37 -2.50 -1.73 28.32
N ARG A 38 -3.22 -1.09 27.40
CA ARG A 38 -4.34 -1.73 26.70
C ARG A 38 -3.80 -2.92 25.89
N ALA A 39 -2.71 -2.70 25.16
CA ALA A 39 -2.12 -3.77 24.37
C ALA A 39 -1.59 -4.90 25.26
N ARG A 40 -0.93 -4.53 26.35
CA ARG A 40 -0.37 -5.52 27.28
C ARG A 40 -1.44 -6.42 27.89
N ARG A 41 -2.58 -5.84 28.22
CA ARG A 41 -3.68 -6.60 28.83
C ARG A 41 -4.38 -7.52 27.84
N GLU A 42 -4.45 -7.11 26.58
CA GLU A 42 -5.15 -7.89 25.57
C GLU A 42 -4.29 -8.82 24.71
N ASN A 43 -2.97 -8.74 24.86
CA ASN A 43 -2.07 -9.56 24.06
C ASN A 43 -0.90 -10.10 24.88
N PRO A 44 -0.42 -11.30 24.54
CA PRO A 44 0.71 -11.88 25.29
C PRO A 44 2.07 -11.25 24.95
N PHE A 45 2.19 -10.69 23.76
CA PHE A 45 3.45 -10.07 23.32
C PHE A 45 3.18 -8.65 22.85
N VAL A 46 3.89 -7.68 23.43
CA VAL A 46 3.69 -6.28 23.04
C VAL A 46 4.90 -5.68 22.34
N VAL A 47 4.64 -5.05 21.21
CA VAL A 47 5.67 -4.40 20.42
C VAL A 47 5.32 -2.93 20.27
N VAL A 48 6.31 -2.06 20.48
CA VAL A 48 6.12 -0.63 20.34
C VAL A 48 7.18 -0.09 19.40
N SER A 49 6.77 0.74 18.44
CA SER A 49 7.75 1.32 17.53
C SER A 49 7.88 2.81 17.84
N VAL A 50 9.10 3.31 17.73
CA VAL A 50 9.37 4.72 17.94
C VAL A 50 10.10 5.14 16.68
N PHE A 51 9.47 6.02 15.91
CA PHE A 51 10.06 6.47 14.65
C PHE A 51 9.39 7.74 14.16
N VAL A 52 10.15 8.83 14.13
CA VAL A 52 9.63 10.09 13.63
C VAL A 52 9.65 9.90 12.12
N ASN A 53 8.46 9.74 11.54
CA ASN A 53 8.29 9.49 10.12
C ASN A 53 8.32 10.75 9.24
N PRO A 54 9.41 10.97 8.50
CA PRO A 54 9.49 12.15 7.64
C PRO A 54 8.37 12.28 6.61
N LEU A 55 7.87 11.15 6.12
CA LEU A 55 6.83 11.16 5.10
C LEU A 55 5.54 11.89 5.50
N GLN A 56 5.24 11.93 6.79
CA GLN A 56 4.02 12.61 7.21
C GLN A 56 4.21 14.06 7.62
N PHE A 57 5.39 14.62 7.38
CA PHE A 57 5.65 16.04 7.69
C PHE A 57 5.77 16.85 6.40
N GLY A 58 5.35 18.10 6.46
CA GLY A 58 5.45 19.00 5.33
C GLY A 58 6.73 19.83 5.45
N PRO A 59 7.18 20.52 4.39
CA PRO A 59 8.40 21.32 4.48
C PRO A 59 8.42 22.42 5.54
N GLY A 60 7.29 23.05 5.77
CA GLY A 60 7.24 24.12 6.77
C GLY A 60 6.86 23.67 8.16
N GLU A 61 6.82 22.36 8.38
CA GLU A 61 6.44 21.84 9.70
C GLU A 61 7.60 21.63 10.65
N ASP A 62 7.45 20.73 11.63
CA ASP A 62 8.49 20.52 12.65
C ASP A 62 9.32 19.24 12.63
N TYR A 63 9.50 18.62 11.47
CA TYR A 63 10.28 17.39 11.43
C TYR A 63 11.63 17.52 12.14
N HIS A 64 12.36 18.59 11.84
CA HIS A 64 13.68 18.76 12.45
C HIS A 64 13.69 19.01 13.95
N ARG A 65 12.71 19.73 14.47
CA ARG A 65 12.68 20.00 15.90
C ARG A 65 11.81 19.05 16.70
N TYR A 66 11.17 18.10 16.05
CA TYR A 66 10.31 17.16 16.78
C TYR A 66 11.09 16.57 17.95
N PRO A 67 10.48 16.56 19.15
CA PRO A 67 11.15 16.02 20.34
C PRO A 67 11.64 14.58 20.21
N ARG A 68 12.92 14.38 20.55
CA ARG A 68 13.54 13.06 20.47
C ARG A 68 14.38 12.77 21.71
N ASP A 69 14.15 11.61 22.32
CA ASP A 69 14.88 11.16 23.50
C ASP A 69 14.59 9.67 23.65
N LEU A 70 15.31 8.86 22.90
CA LEU A 70 15.11 7.41 22.93
C LEU A 70 15.37 6.79 24.29
N GLU A 71 16.36 7.30 25.00
CA GLU A 71 16.67 6.75 26.32
C GLU A 71 15.50 6.88 27.27
N ARG A 72 14.86 8.04 27.28
CA ARG A 72 13.71 8.24 28.14
C ARG A 72 12.57 7.32 27.71
N ASP A 73 12.40 7.14 26.40
CA ASP A 73 11.35 6.28 25.88
C ASP A 73 11.60 4.83 26.29
N ARG A 74 12.86 4.41 26.24
CA ARG A 74 13.21 3.05 26.61
C ARG A 74 12.93 2.78 28.08
N ALA A 75 13.30 3.74 28.93
CA ALA A 75 13.07 3.59 30.36
C ALA A 75 11.59 3.44 30.65
N LEU A 76 10.78 4.26 29.97
CA LEU A 76 9.33 4.23 30.14
C LEU A 76 8.69 2.92 29.70
N LEU A 77 9.07 2.45 28.51
CA LEU A 77 8.52 1.21 27.98
C LEU A 77 8.99 0.02 28.80
N GLN A 78 10.20 0.11 29.34
CA GLN A 78 10.76 -0.95 30.17
C GLN A 78 9.86 -1.23 31.37
N GLU A 79 9.46 -0.17 32.06
CA GLU A 79 8.59 -0.30 33.22
C GLU A 79 7.18 -0.73 32.85
N ALA A 80 6.73 -0.33 31.66
CA ALA A 80 5.39 -0.65 31.19
C ALA A 80 5.18 -2.13 30.81
N GLY A 81 6.26 -2.91 30.84
CA GLY A 81 6.13 -4.32 30.52
C GLY A 81 6.17 -4.64 29.03
N VAL A 82 6.73 -3.74 28.23
CA VAL A 82 6.82 -3.97 26.80
C VAL A 82 7.86 -5.05 26.47
N ASP A 83 7.53 -5.92 25.52
CA ASP A 83 8.45 -6.99 25.15
C ASP A 83 9.52 -6.57 24.16
N LEU A 84 9.11 -5.83 23.15
CA LEU A 84 10.02 -5.41 22.09
C LEU A 84 9.79 -3.97 21.65
N LEU A 85 10.88 -3.21 21.60
CA LEU A 85 10.84 -1.83 21.15
C LEU A 85 11.61 -1.74 19.83
N PHE A 86 10.92 -1.30 18.79
CA PHE A 86 11.53 -1.17 17.46
C PHE A 86 11.81 0.31 17.25
N ALA A 87 13.09 0.68 17.25
CA ALA A 87 13.50 2.07 17.06
C ALA A 87 14.49 2.19 15.90
N PRO A 88 13.98 2.13 14.67
CA PRO A 88 14.79 2.22 13.45
C PRO A 88 15.20 3.63 13.04
N GLY A 89 16.29 3.70 12.28
CA GLY A 89 16.75 4.98 11.78
C GLY A 89 16.00 5.16 10.48
N VAL A 90 16.03 6.36 9.92
CA VAL A 90 15.33 6.64 8.66
C VAL A 90 15.85 5.74 7.54
N GLU A 91 17.15 5.49 7.57
CA GLU A 91 17.81 4.65 6.56
C GLU A 91 17.29 3.22 6.61
N GLU A 92 16.91 2.75 7.80
CA GLU A 92 16.40 1.39 7.94
C GLU A 92 14.95 1.31 7.45
N MET A 93 14.16 2.33 7.77
CA MET A 93 12.76 2.34 7.36
C MET A 93 12.61 2.62 5.87
N TYR A 94 13.40 3.55 5.36
CA TYR A 94 13.33 3.94 3.95
C TYR A 94 14.70 3.90 3.29
N PRO A 95 15.23 2.69 3.03
CA PRO A 95 16.54 2.54 2.39
C PRO A 95 16.60 3.15 1.00
N GLU A 96 17.81 3.37 0.49
CA GLU A 96 17.97 3.94 -0.84
C GLU A 96 17.18 3.06 -1.81
N GLY A 97 16.40 3.69 -2.68
CA GLY A 97 15.59 2.93 -3.62
C GLY A 97 14.11 2.89 -3.26
N PHE A 98 13.79 3.15 -2.00
CA PHE A 98 12.40 3.14 -1.54
C PHE A 98 11.58 4.07 -2.45
N ALA A 99 10.50 3.56 -3.01
CA ALA A 99 9.71 4.35 -3.94
C ALA A 99 8.21 4.07 -3.93
N THR A 100 7.75 3.35 -2.91
CA THR A 100 6.35 2.98 -2.83
C THR A 100 5.53 3.83 -1.86
N ARG A 101 4.28 4.07 -2.21
CA ARG A 101 3.40 4.85 -1.35
C ARG A 101 2.06 4.17 -1.23
N VAL A 102 1.39 4.39 -0.11
CA VAL A 102 0.06 3.85 0.12
C VAL A 102 -0.78 5.07 0.47
N GLN A 103 -1.96 5.19 -0.11
CA GLN A 103 -2.79 6.34 0.20
C GLN A 103 -4.28 6.06 0.14
N VAL A 104 -4.99 6.64 1.10
CA VAL A 104 -6.44 6.52 1.13
C VAL A 104 -6.93 7.77 0.42
N GLU A 105 -7.74 7.57 -0.61
CA GLU A 105 -8.27 8.68 -1.41
C GLU A 105 -9.68 9.10 -0.99
N GLY A 106 -10.15 10.20 -1.55
CA GLY A 106 -11.48 10.66 -1.25
C GLY A 106 -11.58 11.67 -0.11
N PRO A 107 -12.81 12.06 0.25
CA PRO A 107 -13.08 13.03 1.32
C PRO A 107 -12.46 12.71 2.67
N LEU A 108 -12.33 11.42 3.00
CA LEU A 108 -11.76 11.05 4.29
C LEU A 108 -10.36 11.61 4.55
N THR A 109 -9.58 11.80 3.49
CA THR A 109 -8.24 12.34 3.66
C THR A 109 -8.14 13.75 3.09
N ALA A 110 -9.16 14.16 2.36
CA ALA A 110 -9.15 15.50 1.77
C ALA A 110 -9.66 16.56 2.75
N LEU A 111 -10.58 16.17 3.62
CA LEU A 111 -11.15 17.10 4.58
C LEU A 111 -10.29 17.33 5.81
N TRP A 112 -10.59 18.42 6.51
CA TRP A 112 -9.95 18.77 7.77
C TRP A 112 -8.42 18.74 7.82
N GLU A 113 -7.83 17.77 8.51
CA GLU A 113 -6.37 17.71 8.59
C GLU A 113 -5.72 17.59 7.22
N GLY A 114 -6.36 16.86 6.31
CA GLY A 114 -5.81 16.70 4.97
C GLY A 114 -5.71 18.00 4.20
N ALA A 115 -6.59 18.95 4.49
CA ALA A 115 -6.55 20.23 3.78
C ALA A 115 -5.47 21.15 4.37
N VAL A 116 -5.28 21.05 5.67
CA VAL A 116 -4.28 21.87 6.36
C VAL A 116 -2.89 21.28 6.16
N ARG A 117 -2.82 19.96 6.03
CA ARG A 117 -1.54 19.27 5.88
C ARG A 117 -1.52 18.38 4.64
N PRO A 118 -1.30 18.98 3.46
CA PRO A 118 -1.26 18.23 2.20
C PRO A 118 -0.27 17.07 2.25
N GLY A 119 -0.72 15.89 1.86
CA GLY A 119 0.17 14.74 1.86
C GLY A 119 0.43 14.10 3.21
N HIS A 120 -0.09 14.68 4.29
CA HIS A 120 0.14 14.10 5.62
C HIS A 120 -0.35 12.66 5.70
N PHE A 121 -1.59 12.41 5.30
CA PHE A 121 -2.13 11.07 5.39
C PHE A 121 -1.51 10.03 4.46
N GLN A 122 -0.88 10.46 3.38
CA GLN A 122 -0.23 9.49 2.51
C GLN A 122 1.00 9.02 3.29
N GLY A 123 1.63 9.95 4.01
CA GLY A 123 2.79 9.61 4.80
C GLY A 123 2.44 8.64 5.92
N VAL A 124 1.30 8.88 6.57
CA VAL A 124 0.84 8.02 7.66
C VAL A 124 0.48 6.63 7.14
N ALA A 125 -0.30 6.59 6.06
CA ALA A 125 -0.71 5.32 5.48
C ALA A 125 0.49 4.49 5.06
N THR A 126 1.46 5.15 4.45
CA THR A 126 2.64 4.44 4.00
C THR A 126 3.44 3.82 5.13
N VAL A 127 3.78 4.59 6.17
CA VAL A 127 4.57 4.04 7.26
C VAL A 127 3.78 3.01 8.07
N VAL A 128 2.48 3.22 8.23
CA VAL A 128 1.67 2.26 8.99
C VAL A 128 1.56 0.94 8.23
N ALA A 129 1.41 1.01 6.92
CA ALA A 129 1.31 -0.21 6.11
C ALA A 129 2.61 -1.00 6.28
N ARG A 130 3.75 -0.30 6.17
CA ARG A 130 5.04 -0.95 6.32
C ARG A 130 5.22 -1.55 7.71
N LEU A 131 4.90 -0.78 8.74
CA LEU A 131 5.04 -1.29 10.10
C LEU A 131 4.16 -2.52 10.32
N PHE A 132 2.94 -2.51 9.76
CA PHE A 132 2.03 -3.65 9.89
C PHE A 132 2.60 -4.89 9.21
N LEU A 133 3.28 -4.69 8.09
CA LEU A 133 3.86 -5.81 7.36
C LEU A 133 5.11 -6.36 8.07
N LEU A 134 5.87 -5.48 8.70
CA LEU A 134 7.07 -5.88 9.42
C LEU A 134 6.74 -6.55 10.75
N VAL A 135 5.78 -5.97 11.46
CA VAL A 135 5.37 -6.48 12.77
C VAL A 135 4.33 -7.60 12.72
N GLN A 136 3.46 -7.58 11.71
CA GLN A 136 2.42 -8.60 11.56
C GLN A 136 1.67 -8.76 12.88
N PRO A 137 1.08 -7.66 13.39
CA PRO A 137 0.34 -7.72 14.66
C PRO A 137 -1.08 -8.23 14.52
N GLN A 138 -1.64 -8.74 15.62
CA GLN A 138 -3.02 -9.21 15.62
C GLN A 138 -3.89 -7.98 15.87
N ARG A 139 -3.41 -7.11 16.75
CA ARG A 139 -4.11 -5.88 17.10
C ARG A 139 -3.14 -4.70 17.11
N ALA A 140 -3.60 -3.54 16.63
CA ALA A 140 -2.80 -2.32 16.60
C ALA A 140 -3.59 -1.23 17.34
N TYR A 141 -2.90 -0.48 18.20
CA TYR A 141 -3.56 0.54 19.00
C TYR A 141 -3.23 1.99 18.64
N PHE A 142 -4.29 2.80 18.50
CA PHE A 142 -4.18 4.21 18.15
C PHE A 142 -5.01 5.10 19.06
N GLY A 143 -4.54 6.32 19.28
CA GLY A 143 -5.27 7.25 20.14
C GLY A 143 -6.44 7.89 19.40
N GLU A 144 -7.55 8.13 20.10
CA GLU A 144 -8.69 8.75 19.46
C GLU A 144 -8.46 10.24 19.21
N LYS A 145 -7.45 10.82 19.87
CA LYS A 145 -7.16 12.23 19.70
C LYS A 145 -6.93 12.56 18.22
N ASP A 146 -6.26 11.64 17.52
CA ASP A 146 -6.01 11.80 16.09
C ASP A 146 -7.11 10.96 15.45
N TYR A 147 -8.35 11.42 15.60
CA TYR A 147 -9.52 10.72 15.12
C TYR A 147 -9.54 10.46 13.63
N GLN A 148 -9.21 11.47 12.85
CA GLN A 148 -9.20 11.30 11.40
C GLN A 148 -8.17 10.24 11.04
N GLN A 149 -7.00 10.29 11.66
CA GLN A 149 -5.96 9.29 11.39
C GLN A 149 -6.47 7.89 11.71
N LEU A 150 -7.23 7.75 12.80
CA LEU A 150 -7.78 6.45 13.19
C LEU A 150 -8.68 5.90 12.08
N LEU A 151 -9.54 6.76 11.54
CA LEU A 151 -10.44 6.35 10.46
C LEU A 151 -9.67 6.00 9.19
N VAL A 152 -8.64 6.78 8.88
CA VAL A 152 -7.84 6.53 7.67
C VAL A 152 -7.17 5.16 7.75
N VAL A 153 -6.58 4.85 8.91
CA VAL A 153 -5.93 3.56 9.10
C VAL A 153 -6.96 2.43 8.98
N ARG A 154 -8.14 2.63 9.55
CA ARG A 154 -9.19 1.62 9.48
C ARG A 154 -9.61 1.36 8.02
N ARG A 155 -9.72 2.44 7.24
CA ARG A 155 -10.11 2.33 5.83
C ARG A 155 -9.05 1.60 5.03
N MET A 156 -7.78 1.91 5.28
CA MET A 156 -6.69 1.24 4.58
C MET A 156 -6.72 -0.25 4.93
N VAL A 157 -6.88 -0.57 6.21
CA VAL A 157 -6.93 -1.96 6.65
C VAL A 157 -8.10 -2.70 6.01
N ARG A 158 -9.27 -2.07 6.03
CA ARG A 158 -10.47 -2.66 5.45
C ARG A 158 -10.30 -2.92 3.95
N ASP A 159 -9.83 -1.89 3.25
CA ASP A 159 -9.64 -1.97 1.80
C ASP A 159 -8.60 -2.99 1.35
N LEU A 160 -7.40 -2.92 1.93
CA LEU A 160 -6.34 -3.82 1.52
C LEU A 160 -6.39 -5.23 2.09
N GLY A 161 -7.13 -5.40 3.18
CA GLY A 161 -7.25 -6.72 3.77
C GLY A 161 -6.23 -7.08 4.83
N PHE A 162 -5.69 -6.07 5.52
CA PHE A 162 -4.73 -6.34 6.58
C PHE A 162 -5.43 -7.14 7.68
N PRO A 163 -4.87 -8.28 8.08
CA PRO A 163 -5.51 -9.08 9.14
C PRO A 163 -5.16 -8.46 10.49
N VAL A 164 -5.46 -7.17 10.63
CA VAL A 164 -5.16 -6.42 11.84
C VAL A 164 -6.42 -5.78 12.44
N GLU A 165 -6.60 -5.93 13.75
CA GLU A 165 -7.74 -5.34 14.45
C GLU A 165 -7.25 -3.97 14.94
N VAL A 166 -7.83 -2.89 14.42
CA VAL A 166 -7.42 -1.53 14.81
C VAL A 166 -8.24 -1.01 15.99
N VAL A 167 -7.57 -0.88 17.13
CA VAL A 167 -8.24 -0.43 18.34
C VAL A 167 -8.01 1.05 18.64
N GLY A 168 -9.11 1.78 18.83
CA GLY A 168 -9.02 3.18 19.16
C GLY A 168 -9.14 3.32 20.66
N VAL A 169 -8.22 4.07 21.27
CA VAL A 169 -8.23 4.26 22.71
C VAL A 169 -8.57 5.70 23.10
N PRO A 170 -9.51 5.89 24.04
CA PRO A 170 -9.92 7.22 24.49
C PRO A 170 -8.72 8.09 24.85
N THR A 171 -8.85 9.38 24.57
CA THR A 171 -7.81 10.37 24.81
C THR A 171 -7.49 10.64 26.29
N VAL A 172 -6.20 10.66 26.61
CA VAL A 172 -5.77 10.95 27.98
C VAL A 172 -5.55 12.45 28.05
N ARG A 173 -6.10 13.08 29.09
CA ARG A 173 -6.00 14.54 29.24
C ARG A 173 -5.41 14.99 30.57
N GLU A 174 -4.92 16.24 30.58
CA GLU A 174 -4.37 16.83 31.80
C GLU A 174 -5.60 17.15 32.65
N GLU A 175 -5.38 17.55 33.90
CA GLU A 175 -6.51 17.86 34.78
C GLU A 175 -7.39 18.97 34.21
N ASP A 176 -6.80 19.91 33.48
CA ASP A 176 -7.57 21.00 32.91
C ASP A 176 -8.22 20.65 31.57
N GLY A 177 -8.05 19.41 31.13
CA GLY A 177 -8.66 18.97 29.88
C GLY A 177 -7.76 18.91 28.65
N LEU A 178 -6.59 19.54 28.68
CA LEU A 178 -5.70 19.53 27.52
C LEU A 178 -5.29 18.09 27.19
N ALA A 179 -5.44 17.69 25.93
CA ALA A 179 -5.05 16.35 25.51
C ALA A 179 -3.52 16.25 25.52
N LEU A 180 -2.98 15.18 26.09
CA LEU A 180 -1.53 15.03 26.12
C LEU A 180 -1.00 14.80 24.70
N SER A 181 0.14 15.40 24.41
CA SER A 181 0.78 15.27 23.11
C SER A 181 2.25 15.61 23.24
N SER A 182 3.09 14.92 22.49
CA SER A 182 4.52 15.17 22.57
C SER A 182 4.83 16.62 22.20
N ARG A 183 4.06 17.19 21.28
CA ARG A 183 4.26 18.57 20.86
C ARG A 183 3.86 19.61 21.90
N ASN A 184 3.18 19.18 22.96
CA ASN A 184 2.79 20.12 24.02
C ASN A 184 4.05 20.73 24.65
N VAL A 185 5.18 20.05 24.46
CA VAL A 185 6.46 20.53 25.01
C VAL A 185 6.85 21.87 24.37
N TYR A 186 6.25 22.19 23.22
CA TYR A 186 6.53 23.44 22.51
C TYR A 186 5.90 24.64 23.20
N LEU A 187 4.78 24.40 23.86
CA LEU A 187 4.03 25.46 24.52
C LEU A 187 4.82 26.20 25.61
N SER A 188 4.71 27.52 25.58
CA SER A 188 5.37 28.35 26.59
C SER A 188 4.45 28.25 27.80
N PRO A 189 4.93 28.66 28.98
CA PRO A 189 4.08 28.58 30.17
C PRO A 189 2.75 29.32 29.98
N GLU A 190 2.81 30.49 29.36
CA GLU A 190 1.61 31.29 29.13
C GLU A 190 0.64 30.66 28.12
N THR A 191 1.19 30.04 27.08
CA THR A 191 0.35 29.40 26.08
C THR A 191 -0.30 28.13 26.64
N ARG A 192 0.45 27.38 27.44
CA ARG A 192 -0.05 26.16 28.05
C ARG A 192 -1.33 26.44 28.84
N LYS A 193 -1.39 27.63 29.44
CA LYS A 193 -2.56 28.03 30.22
C LYS A 193 -3.79 28.29 29.35
N LYS A 194 -3.56 28.76 28.13
CA LYS A 194 -4.64 29.04 27.20
C LYS A 194 -5.04 27.83 26.36
N ALA A 195 -4.13 26.87 26.23
CA ALA A 195 -4.35 25.66 25.42
C ALA A 195 -5.59 24.82 25.74
N PRO A 196 -6.10 24.88 26.98
CA PRO A 196 -7.30 24.07 27.25
C PRO A 196 -8.56 24.54 26.52
N VAL A 197 -8.42 25.61 25.74
CA VAL A 197 -9.56 26.16 25.01
C VAL A 197 -10.18 25.20 23.99
N LEU A 198 -9.37 24.37 23.36
CA LEU A 198 -9.91 23.41 22.39
C LEU A 198 -10.86 22.46 23.09
N TYR A 199 -10.41 21.87 24.20
CA TYR A 199 -11.27 20.95 24.94
C TYR A 199 -12.50 21.69 25.47
N ARG A 200 -12.32 22.93 25.91
CA ARG A 200 -13.45 23.70 26.43
C ARG A 200 -14.50 23.92 25.34
N ALA A 201 -14.05 24.24 24.14
CA ALA A 201 -14.98 24.46 23.04
C ALA A 201 -15.75 23.18 22.75
N LEU A 202 -15.04 22.05 22.75
CA LEU A 202 -15.67 20.76 22.49
C LEU A 202 -16.71 20.44 23.56
N LEU A 203 -16.36 20.74 24.81
CA LEU A 203 -17.25 20.50 25.94
C LEU A 203 -18.51 21.37 25.81
N ALA A 204 -18.34 22.61 25.33
CA ALA A 204 -19.47 23.51 25.16
C ALA A 204 -20.46 22.96 24.13
N MET A 205 -19.94 22.32 23.08
CA MET A 205 -20.82 21.76 22.06
C MET A 205 -21.55 20.54 22.61
N ARG A 206 -20.85 19.70 23.38
CA ARG A 206 -21.47 18.51 23.95
C ARG A 206 -22.57 18.92 24.93
N GLU A 207 -22.33 20.01 25.66
CA GLU A 207 -23.29 20.53 26.64
C GLU A 207 -24.60 20.88 25.94
N VAL A 208 -24.50 21.63 24.84
CA VAL A 208 -25.67 22.04 24.06
C VAL A 208 -26.38 20.81 23.50
N ALA A 209 -25.60 19.86 22.96
CA ALA A 209 -26.18 18.64 22.40
C ALA A 209 -26.98 17.88 23.45
N GLY A 210 -26.44 17.84 24.67
CA GLY A 210 -27.09 17.13 25.76
C GLY A 210 -28.33 17.80 26.29
N GLN A 211 -28.46 19.11 26.05
CA GLN A 211 -29.62 19.86 26.52
C GLN A 211 -30.72 19.91 25.47
N GLY A 212 -30.51 19.25 24.34
CA GLY A 212 -31.51 19.23 23.29
C GLY A 212 -31.32 20.30 22.23
N GLY A 213 -30.18 20.98 22.25
CA GLY A 213 -29.91 22.01 21.27
C GLY A 213 -29.61 21.44 19.89
N SER A 214 -29.73 22.27 18.87
CA SER A 214 -29.48 21.83 17.50
C SER A 214 -27.98 21.81 17.22
N VAL A 215 -27.61 21.22 16.09
CA VAL A 215 -26.20 21.17 15.70
C VAL A 215 -25.70 22.60 15.54
N ALA A 216 -26.52 23.43 14.92
CA ALA A 216 -26.13 24.83 14.71
C ALA A 216 -25.90 25.55 16.03
N GLU A 217 -26.78 25.30 17.01
CA GLU A 217 -26.62 25.94 18.32
C GLU A 217 -25.33 25.45 18.99
N ALA A 218 -25.04 24.17 18.84
CA ALA A 218 -23.84 23.59 19.44
C ALA A 218 -22.58 24.23 18.86
N LEU A 219 -22.57 24.43 17.54
CA LEU A 219 -21.41 25.06 16.89
C LEU A 219 -21.20 26.49 17.40
N ARG A 220 -22.29 27.24 17.55
CA ARG A 220 -22.19 28.61 18.03
C ARG A 220 -21.54 28.63 19.41
N ALA A 221 -21.90 27.65 20.24
CA ALA A 221 -21.33 27.55 21.58
C ALA A 221 -19.84 27.26 21.50
N GLY A 222 -19.46 26.40 20.57
CA GLY A 222 -18.04 26.07 20.41
C GLY A 222 -17.25 27.28 19.94
N GLU A 223 -17.78 27.99 18.95
CA GLU A 223 -17.12 29.17 18.40
C GLU A 223 -16.94 30.24 19.47
N GLU A 224 -17.98 30.44 20.28
CA GLU A 224 -17.94 31.43 21.35
C GLU A 224 -16.82 31.10 22.33
N ALA A 225 -16.69 29.82 22.68
CA ALA A 225 -15.64 29.38 23.59
C ALA A 225 -14.26 29.72 23.04
N LEU A 226 -14.05 29.44 21.75
CA LEU A 226 -12.76 29.72 21.11
C LEU A 226 -12.44 31.22 21.10
N ARG A 227 -13.47 32.05 20.88
CA ARG A 227 -13.24 33.48 20.82
C ARG A 227 -12.72 34.08 22.13
N ALA A 228 -12.69 33.28 23.19
CA ALA A 228 -12.18 33.76 24.48
C ALA A 228 -10.65 33.78 24.47
N VAL A 229 -10.06 33.11 23.49
CA VAL A 229 -8.60 33.06 23.35
C VAL A 229 -8.21 33.48 21.95
N PRO A 230 -8.06 34.80 21.72
CA PRO A 230 -7.69 35.32 20.39
C PRO A 230 -6.35 34.83 19.87
N GLU A 231 -5.48 34.41 20.77
CA GLU A 231 -4.15 33.92 20.39
C GLU A 231 -4.27 32.62 19.60
N PHE A 232 -5.41 31.94 19.74
CA PHE A 232 -5.66 30.69 19.04
C PHE A 232 -6.30 30.96 17.68
N ARG A 233 -5.61 30.58 16.62
CA ARG A 233 -6.14 30.78 15.28
C ARG A 233 -6.69 29.48 14.75
N LYS A 234 -8.01 29.39 14.72
CA LYS A 234 -8.74 28.21 14.28
C LYS A 234 -8.57 27.84 12.80
N ASP A 235 -8.39 26.55 12.55
CA ASP A 235 -8.29 26.03 11.18
C ASP A 235 -9.73 25.60 10.88
N TYR A 236 -10.32 24.88 11.83
CA TYR A 236 -11.69 24.43 11.68
C TYR A 236 -12.33 24.01 13.00
N LEU A 237 -13.66 24.06 13.01
CA LEU A 237 -14.45 23.65 14.16
C LEU A 237 -15.71 23.09 13.53
N ALA A 238 -16.02 21.82 13.80
CA ALA A 238 -17.21 21.23 13.19
C ALA A 238 -17.76 20.06 13.98
N ILE A 239 -18.98 19.65 13.61
CA ILE A 239 -19.64 18.50 14.21
C ILE A 239 -19.87 17.62 13.00
N VAL A 240 -19.24 16.45 12.99
CA VAL A 240 -19.29 15.57 11.83
C VAL A 240 -19.74 14.13 12.07
N HIS A 241 -20.02 13.45 10.97
CA HIS A 241 -20.44 12.06 11.01
C HIS A 241 -19.22 11.26 11.51
N PRO A 242 -19.43 10.32 12.45
CA PRO A 242 -18.32 9.52 12.97
C PRO A 242 -17.52 8.63 12.02
N GLU A 243 -18.11 8.30 10.87
CA GLU A 243 -17.44 7.44 9.90
C GLU A 243 -16.93 8.18 8.65
N THR A 244 -17.70 9.16 8.18
CA THR A 244 -17.35 9.90 6.97
C THR A 244 -16.71 11.26 7.20
N LEU A 245 -16.84 11.78 8.41
CA LEU A 245 -16.30 13.09 8.76
C LEU A 245 -16.99 14.24 8.03
N LEU A 246 -18.16 13.99 7.45
CA LEU A 246 -18.89 15.05 6.75
C LEU A 246 -19.70 15.83 7.79
N PRO A 247 -19.79 17.16 7.63
CA PRO A 247 -20.54 18.01 8.56
C PRO A 247 -21.99 17.53 8.65
N LEU A 248 -22.56 17.59 9.84
CA LEU A 248 -23.94 17.13 10.05
C LEU A 248 -24.96 18.27 10.06
N SER A 249 -26.17 17.95 9.60
CA SER A 249 -27.26 18.91 9.58
C SER A 249 -28.15 18.62 10.78
N ASP A 250 -28.10 17.36 11.22
CA ASP A 250 -28.89 16.92 12.37
C ASP A 250 -28.06 15.88 13.13
N TRP A 251 -28.44 15.62 14.38
CA TRP A 251 -27.72 14.68 15.22
C TRP A 251 -27.82 13.22 14.82
N VAL A 252 -26.70 12.50 14.98
CA VAL A 252 -26.63 11.07 14.70
C VAL A 252 -25.77 10.53 15.82
N ALA A 253 -26.03 9.29 16.24
CA ALA A 253 -25.25 8.69 17.30
C ALA A 253 -23.79 8.67 16.89
N GLY A 254 -22.93 9.11 17.79
CA GLY A 254 -21.51 9.13 17.50
C GLY A 254 -21.02 10.44 16.93
N ALA A 255 -21.93 11.38 16.69
CA ALA A 255 -21.55 12.69 16.13
C ALA A 255 -20.27 13.15 16.81
N ARG A 256 -19.29 13.54 16.01
CA ARG A 256 -18.00 13.94 16.53
C ARG A 256 -17.68 15.43 16.38
N GLY A 257 -17.32 16.06 17.49
CA GLY A 257 -16.95 17.46 17.43
C GLY A 257 -15.46 17.43 17.18
N ILE A 258 -14.99 18.21 16.22
CA ILE A 258 -13.57 18.25 15.91
C ILE A 258 -13.10 19.69 15.83
N VAL A 259 -11.89 19.94 16.31
CA VAL A 259 -11.35 21.29 16.30
C VAL A 259 -9.84 21.25 16.11
N ALA A 260 -9.31 22.30 15.49
CA ALA A 260 -7.88 22.40 15.25
C ALA A 260 -7.53 23.85 15.03
N GLY A 261 -6.32 24.23 15.42
CA GLY A 261 -5.90 25.60 15.27
C GLY A 261 -4.44 25.77 15.66
N ARG A 262 -3.95 27.00 15.56
CA ARG A 262 -2.55 27.28 15.87
C ARG A 262 -2.29 28.37 16.89
N PHE A 263 -1.30 28.14 17.73
CA PHE A 263 -0.83 29.15 18.66
C PHE A 263 0.45 29.49 17.92
N PRO A 264 1.10 30.62 18.24
CA PRO A 264 2.33 30.93 17.51
C PRO A 264 3.40 29.85 17.51
N GLU A 265 3.55 29.11 18.61
CA GLU A 265 4.58 28.09 18.67
C GLU A 265 4.16 26.63 18.48
N ALA A 266 2.87 26.39 18.26
CA ALA A 266 2.44 25.02 18.07
C ALA A 266 1.01 24.89 17.56
N ARG A 267 0.78 23.86 16.77
CA ARG A 267 -0.55 23.61 16.25
C ARG A 267 -1.14 22.47 17.08
N LEU A 268 -2.38 22.64 17.52
CA LEU A 268 -3.06 21.63 18.33
C LEU A 268 -4.37 21.17 17.70
N ILE A 269 -4.75 19.92 17.99
CA ILE A 269 -6.02 19.38 17.50
C ILE A 269 -6.66 18.57 18.62
N ASP A 270 -7.97 18.38 18.53
CA ASP A 270 -8.68 17.61 19.54
C ASP A 270 -10.06 17.28 19.00
N ASN A 271 -10.71 16.30 19.62
CA ASN A 271 -12.04 15.93 19.18
C ASN A 271 -12.75 15.22 20.33
N LEU A 272 -14.07 15.11 20.22
CA LEU A 272 -14.87 14.48 21.26
C LEU A 272 -16.21 14.05 20.71
N GLU A 273 -16.77 12.96 21.24
CA GLU A 273 -18.09 12.55 20.81
C GLU A 273 -19.04 13.51 21.51
N VAL A 274 -19.91 14.18 20.75
CA VAL A 274 -20.82 15.15 21.33
C VAL A 274 -22.28 14.68 21.39
N TYR A 275 -22.56 13.53 20.80
CA TYR A 275 -23.92 12.99 20.80
C TYR A 275 -23.86 11.46 20.74
N PRO A 276 -24.73 10.77 21.52
CA PRO A 276 -25.75 11.27 22.43
C PRO A 276 -25.19 11.77 23.77
N MET B 1 -10.05 -29.74 -5.87
CA MET B 1 -9.86 -28.26 -5.78
C MET B 1 -11.13 -27.56 -5.33
N ARG B 2 -11.01 -26.73 -4.31
CA ARG B 2 -12.16 -25.98 -3.81
C ARG B 2 -12.16 -24.60 -4.47
N THR B 3 -13.31 -24.22 -5.03
CA THR B 3 -13.44 -22.93 -5.67
C THR B 3 -14.22 -21.98 -4.77
N VAL B 4 -13.65 -20.80 -4.54
CA VAL B 4 -14.27 -19.81 -3.69
C VAL B 4 -14.30 -18.46 -4.41
N SER B 5 -15.31 -17.65 -4.09
CA SER B 5 -15.45 -16.34 -4.72
C SER B 5 -15.60 -15.22 -3.71
N THR B 6 -15.55 -15.56 -2.42
CA THR B 6 -15.66 -14.55 -1.37
C THR B 6 -14.41 -14.57 -0.52
N VAL B 7 -14.15 -13.45 0.16
CA VAL B 7 -12.98 -13.32 1.02
C VAL B 7 -13.13 -14.20 2.25
N ALA B 8 -14.33 -14.27 2.79
CA ALA B 8 -14.62 -15.07 3.98
C ALA B 8 -14.21 -16.53 3.81
N GLU B 9 -14.70 -17.15 2.74
CA GLU B 9 -14.40 -18.55 2.46
C GLU B 9 -12.91 -18.73 2.17
N LEU B 10 -12.32 -17.75 1.48
CA LEU B 10 -10.91 -17.80 1.13
C LEU B 10 -10.03 -17.93 2.36
N ARG B 11 -10.25 -17.05 3.32
CA ARG B 11 -9.46 -17.04 4.56
C ARG B 11 -9.60 -18.31 5.39
N ALA B 12 -10.79 -18.91 5.37
CA ALA B 12 -11.02 -20.14 6.12
C ALA B 12 -10.49 -21.36 5.41
N ALA B 13 -10.35 -21.28 4.09
CA ALA B 13 -9.86 -22.40 3.29
C ALA B 13 -8.34 -22.42 3.18
N LEU B 14 -7.70 -21.38 3.71
CA LEU B 14 -6.24 -21.26 3.64
C LEU B 14 -5.48 -21.71 4.88
N PRO B 15 -4.38 -22.43 4.69
CA PRO B 15 -3.58 -22.87 5.83
C PRO B 15 -2.66 -21.68 6.10
N ARG B 16 -1.98 -21.65 7.24
CA ARG B 16 -1.10 -20.53 7.53
C ARG B 16 0.31 -20.75 6.99
N GLU B 17 0.64 -22.00 6.67
CA GLU B 17 1.98 -22.32 6.18
C GLU B 17 2.04 -22.95 4.79
N GLY B 18 3.21 -22.85 4.19
CA GLY B 18 3.47 -23.43 2.88
C GLY B 18 2.56 -23.10 1.72
N VAL B 19 2.11 -21.84 1.62
CA VAL B 19 1.23 -21.47 0.52
C VAL B 19 1.98 -20.88 -0.67
N GLY B 20 1.75 -21.46 -1.84
CA GLY B 20 2.34 -20.98 -3.08
C GLY B 20 1.19 -20.31 -3.81
N PHE B 21 1.39 -19.10 -4.31
CA PHE B 21 0.32 -18.34 -4.95
C PHE B 21 0.58 -17.89 -6.39
N VAL B 22 -0.43 -18.02 -7.23
CA VAL B 22 -0.32 -17.59 -8.62
C VAL B 22 -1.49 -16.70 -9.00
N PRO B 23 -1.27 -15.37 -9.08
CA PRO B 23 -2.31 -14.43 -9.45
C PRO B 23 -2.45 -14.32 -10.97
N THR B 24 -3.66 -14.44 -11.48
CA THR B 24 -3.90 -14.37 -12.92
C THR B 24 -5.19 -13.64 -13.20
N MET B 25 -5.44 -13.32 -14.47
CA MET B 25 -6.68 -12.66 -14.86
C MET B 25 -7.58 -13.60 -15.66
N GLY B 26 -7.40 -14.90 -15.48
CA GLY B 26 -8.23 -15.87 -16.19
C GLY B 26 -7.89 -16.18 -17.63
N TYR B 27 -8.70 -17.05 -18.25
CA TYR B 27 -8.51 -17.49 -19.63
C TYR B 27 -7.08 -17.98 -19.74
N LEU B 28 -6.78 -18.95 -18.88
CA LEU B 28 -5.45 -19.56 -18.76
C LEU B 28 -4.93 -20.35 -19.95
N HIS B 29 -3.61 -20.28 -20.13
CA HIS B 29 -2.95 -20.99 -21.21
C HIS B 29 -1.71 -21.72 -20.71
N ARG B 30 -1.02 -22.39 -21.63
CA ARG B 30 0.19 -23.16 -21.31
C ARG B 30 1.14 -22.37 -20.42
N GLY B 31 1.23 -21.07 -20.66
CA GLY B 31 2.11 -20.22 -19.88
C GLY B 31 1.75 -20.16 -18.41
N HIS B 32 0.47 -19.96 -18.11
CA HIS B 32 0.03 -19.89 -16.72
C HIS B 32 0.32 -21.22 -16.02
N LEU B 33 0.05 -22.33 -16.71
CA LEU B 33 0.26 -23.65 -16.15
C LEU B 33 1.70 -23.87 -15.73
N ALA B 34 2.63 -23.20 -16.42
CA ALA B 34 4.03 -23.33 -16.09
C ALA B 34 4.28 -22.72 -14.71
N LEU B 35 3.54 -21.66 -14.39
CA LEU B 35 3.67 -21.02 -13.09
C LEU B 35 3.09 -21.92 -12.01
N VAL B 36 1.91 -22.46 -12.29
CA VAL B 36 1.22 -23.35 -11.36
C VAL B 36 2.02 -24.60 -11.04
N GLU B 37 2.68 -25.16 -12.04
CA GLU B 37 3.49 -26.36 -11.84
C GLU B 37 4.66 -26.02 -10.92
N ARG B 38 5.29 -24.89 -11.20
CA ARG B 38 6.42 -24.41 -10.42
C ARG B 38 5.96 -24.27 -8.96
N ALA B 39 4.80 -23.67 -8.75
CA ALA B 39 4.25 -23.47 -7.43
C ALA B 39 3.89 -24.80 -6.76
N ARG B 40 3.29 -25.70 -7.53
CA ARG B 40 2.88 -27.02 -7.03
C ARG B 40 4.06 -27.82 -6.52
N ARG B 41 5.17 -27.77 -7.25
CA ARG B 41 6.37 -28.50 -6.90
C ARG B 41 7.15 -27.93 -5.72
N GLU B 42 6.99 -26.63 -5.48
CA GLU B 42 7.71 -25.97 -4.40
C GLU B 42 6.94 -25.67 -3.12
N ASN B 43 5.63 -25.85 -3.13
CA ASN B 43 4.84 -25.56 -1.95
C ASN B 43 3.78 -26.62 -1.69
N PRO B 44 3.54 -26.96 -0.42
CA PRO B 44 2.54 -27.98 -0.05
C PRO B 44 1.10 -27.58 -0.36
N PHE B 45 0.83 -26.28 -0.44
CA PHE B 45 -0.52 -25.81 -0.75
C PHE B 45 -0.45 -24.75 -1.85
N VAL B 46 -1.27 -24.92 -2.88
CA VAL B 46 -1.28 -23.99 -4.01
C VAL B 46 -2.60 -23.28 -4.21
N VAL B 47 -2.50 -21.95 -4.35
CA VAL B 47 -3.67 -21.10 -4.55
C VAL B 47 -3.47 -20.30 -5.83
N VAL B 48 -4.51 -20.22 -6.64
CA VAL B 48 -4.47 -19.46 -7.88
C VAL B 48 -5.69 -18.56 -7.87
N SER B 49 -5.51 -17.31 -8.26
CA SER B 49 -6.63 -16.40 -8.31
C SER B 49 -6.93 -16.08 -9.76
N VAL B 50 -8.20 -15.89 -10.06
CA VAL B 50 -8.64 -15.54 -11.40
C VAL B 50 -9.51 -14.32 -11.20
N PHE B 51 -9.04 -13.18 -11.68
CA PHE B 51 -9.78 -11.94 -11.52
C PHE B 51 -9.32 -10.86 -12.49
N VAL B 52 -10.21 -10.45 -13.37
CA VAL B 52 -9.90 -9.41 -14.32
C VAL B 52 -10.00 -8.14 -13.49
N ASN B 53 -8.86 -7.57 -13.17
CA ASN B 53 -8.77 -6.38 -12.35
C ASN B 53 -9.03 -5.07 -13.10
N PRO B 54 -10.21 -4.46 -12.90
CA PRO B 54 -10.55 -3.21 -13.59
C PRO B 54 -9.55 -2.06 -13.37
N LEU B 55 -8.93 -2.03 -12.19
CA LEU B 55 -7.99 -0.96 -11.88
C LEU B 55 -6.77 -0.89 -12.81
N GLN B 56 -6.36 -2.01 -13.37
CA GLN B 56 -5.20 -1.97 -14.26
C GLN B 56 -5.57 -1.75 -15.72
N PHE B 57 -6.85 -1.50 -15.97
CA PHE B 57 -7.32 -1.20 -17.32
C PHE B 57 -7.63 0.29 -17.34
N GLY B 58 -6.96 1.03 -18.20
CA GLY B 58 -7.19 2.46 -18.27
C GLY B 58 -8.12 2.91 -19.37
N PRO B 59 -8.20 4.22 -19.62
CA PRO B 59 -9.07 4.73 -20.68
C PRO B 59 -8.63 4.26 -22.06
N GLY B 60 -9.58 3.74 -22.82
CA GLY B 60 -9.28 3.27 -24.17
C GLY B 60 -8.73 1.85 -24.26
N GLU B 61 -8.68 1.13 -23.13
CA GLU B 61 -8.16 -0.23 -23.17
C GLU B 61 -9.24 -1.31 -23.31
N ASP B 62 -8.83 -2.57 -23.22
CA ASP B 62 -9.72 -3.71 -23.41
C ASP B 62 -10.32 -4.43 -22.20
N TYR B 63 -10.91 -3.69 -21.26
CA TYR B 63 -11.49 -4.33 -20.08
C TYR B 63 -12.65 -5.27 -20.40
N HIS B 64 -13.71 -4.73 -21.02
CA HIS B 64 -14.88 -5.54 -21.34
C HIS B 64 -14.61 -6.57 -22.42
N ARG B 65 -13.59 -6.32 -23.23
CA ARG B 65 -13.21 -7.22 -24.32
C ARG B 65 -12.30 -8.35 -23.86
N TYR B 66 -11.70 -8.20 -22.69
CA TYR B 66 -10.79 -9.23 -22.18
C TYR B 66 -11.41 -10.62 -22.16
N PRO B 67 -10.66 -11.63 -22.65
CA PRO B 67 -11.06 -13.03 -22.72
C PRO B 67 -11.46 -13.60 -21.36
N ARG B 68 -12.66 -14.17 -21.29
CA ARG B 68 -13.16 -14.76 -20.05
C ARG B 68 -13.82 -16.11 -20.28
N ASP B 69 -13.41 -17.11 -19.50
CA ASP B 69 -13.97 -18.47 -19.60
C ASP B 69 -13.60 -19.19 -18.30
N LEU B 70 -14.36 -18.90 -17.25
CA LEU B 70 -14.12 -19.47 -15.94
C LEU B 70 -14.09 -20.99 -15.88
N GLU B 71 -15.14 -21.64 -16.38
CA GLU B 71 -15.20 -23.09 -16.36
C GLU B 71 -13.98 -23.72 -17.02
N ARG B 72 -13.48 -23.10 -18.09
CA ARG B 72 -12.31 -23.64 -18.77
C ARG B 72 -11.10 -23.52 -17.85
N ASP B 73 -11.04 -22.42 -17.10
CA ASP B 73 -9.92 -22.21 -16.18
C ASP B 73 -10.03 -23.15 -14.99
N ARG B 74 -11.23 -23.28 -14.43
CA ARG B 74 -11.46 -24.14 -13.27
C ARG B 74 -11.12 -25.60 -13.57
N ALA B 75 -11.37 -26.04 -14.80
CA ALA B 75 -11.09 -27.41 -15.20
C ALA B 75 -9.59 -27.60 -15.38
N LEU B 76 -8.94 -26.60 -15.96
CA LEU B 76 -7.49 -26.66 -16.19
C LEU B 76 -6.70 -26.68 -14.88
N LEU B 77 -7.14 -25.86 -13.92
CA LEU B 77 -6.47 -25.79 -12.62
C LEU B 77 -6.71 -27.06 -11.82
N GLN B 78 -7.95 -27.53 -11.84
CA GLN B 78 -8.33 -28.73 -11.12
C GLN B 78 -7.39 -29.86 -11.54
N GLU B 79 -7.08 -29.91 -12.83
CA GLU B 79 -6.20 -30.93 -13.40
C GLU B 79 -4.73 -30.67 -13.09
N ALA B 80 -4.37 -29.41 -12.88
CA ALA B 80 -2.98 -29.07 -12.60
C ALA B 80 -2.59 -29.41 -11.16
N GLY B 81 -3.58 -29.72 -10.33
CA GLY B 81 -3.29 -30.08 -8.94
C GLY B 81 -3.40 -28.93 -7.96
N VAL B 82 -4.08 -27.86 -8.37
CA VAL B 82 -4.26 -26.69 -7.51
C VAL B 82 -5.24 -27.02 -6.37
N ASP B 83 -4.95 -26.52 -5.17
CA ASP B 83 -5.80 -26.78 -4.03
C ASP B 83 -6.92 -25.77 -3.85
N LEU B 84 -6.67 -24.52 -4.24
CA LEU B 84 -7.68 -23.49 -4.06
C LEU B 84 -7.70 -22.48 -5.20
N LEU B 85 -8.90 -22.22 -5.72
CA LEU B 85 -9.07 -21.25 -6.78
C LEU B 85 -9.89 -20.11 -6.22
N PHE B 86 -9.36 -18.90 -6.33
CA PHE B 86 -10.06 -17.72 -5.83
C PHE B 86 -10.54 -16.95 -7.04
N ALA B 87 -11.85 -16.97 -7.27
CA ALA B 87 -12.45 -16.27 -8.40
C ALA B 87 -13.52 -15.32 -7.88
N PRO B 88 -13.10 -14.18 -7.33
CA PRO B 88 -14.02 -13.19 -6.78
C PRO B 88 -14.62 -12.30 -7.85
N GLY B 89 -15.72 -11.65 -7.50
CA GLY B 89 -16.37 -10.73 -8.42
C GLY B 89 -15.74 -9.37 -8.12
N VAL B 90 -15.97 -8.39 -8.98
CA VAL B 90 -15.40 -7.07 -8.77
C VAL B 90 -15.83 -6.46 -7.44
N GLU B 91 -17.09 -6.68 -7.05
CA GLU B 91 -17.59 -6.12 -5.80
C GLU B 91 -17.06 -6.81 -4.54
N GLU B 92 -16.53 -8.02 -4.70
CA GLU B 92 -15.98 -8.74 -3.57
C GLU B 92 -14.58 -8.17 -3.31
N MET B 93 -13.84 -7.91 -4.39
CA MET B 93 -12.50 -7.36 -4.29
C MET B 93 -12.51 -5.88 -3.96
N TYR B 94 -13.44 -5.15 -4.57
CA TYR B 94 -13.57 -3.71 -4.34
C TYR B 94 -14.98 -3.32 -3.93
N PRO B 95 -15.39 -3.66 -2.70
CA PRO B 95 -16.74 -3.31 -2.24
C PRO B 95 -16.95 -1.81 -2.18
N GLU B 96 -18.20 -1.39 -1.99
CA GLU B 96 -18.52 0.02 -1.91
C GLU B 96 -17.75 0.69 -0.78
N GLY B 97 -17.10 1.80 -1.09
CA GLY B 97 -16.32 2.50 -0.09
C GLY B 97 -14.83 2.29 -0.27
N PHE B 98 -14.45 1.36 -1.14
CA PHE B 98 -13.05 1.08 -1.39
C PHE B 98 -12.39 2.37 -1.89
N ALA B 99 -11.29 2.78 -1.26
CA ALA B 99 -10.63 4.02 -1.66
C ALA B 99 -9.12 4.05 -1.46
N THR B 100 -8.50 2.89 -1.29
CA THR B 100 -7.07 2.82 -1.07
C THR B 100 -6.32 2.43 -2.32
N ARG B 101 -5.12 2.99 -2.49
CA ARG B 101 -4.29 2.67 -3.63
C ARG B 101 -2.86 2.46 -3.17
N VAL B 102 -2.14 1.59 -3.87
CA VAL B 102 -0.74 1.34 -3.57
C VAL B 102 -0.04 1.66 -4.88
N GLN B 103 1.05 2.40 -4.82
CA GLN B 103 1.75 2.74 -6.05
C GLN B 103 3.27 2.82 -5.92
N VAL B 104 3.95 2.22 -6.87
CA VAL B 104 5.41 2.28 -6.89
C VAL B 104 5.68 3.47 -7.80
N GLU B 105 6.46 4.43 -7.29
CA GLU B 105 6.76 5.63 -8.07
C GLU B 105 8.17 5.60 -8.65
N GLY B 106 8.51 6.64 -9.38
CA GLY B 106 9.84 6.72 -9.95
C GLY B 106 9.96 6.15 -11.35
N PRO B 107 11.20 6.08 -11.88
CA PRO B 107 11.48 5.56 -13.22
C PRO B 107 10.93 4.17 -13.50
N LEU B 108 10.89 3.33 -12.47
CA LEU B 108 10.42 1.96 -12.63
C LEU B 108 8.99 1.87 -13.18
N THR B 109 8.16 2.84 -12.86
CA THR B 109 6.79 2.83 -13.35
C THR B 109 6.51 3.95 -14.34
N ALA B 110 7.45 4.87 -14.49
CA ALA B 110 7.26 6.01 -15.40
C ALA B 110 7.67 5.65 -16.83
N LEU B 111 8.67 4.79 -16.95
CA LEU B 111 9.18 4.37 -18.25
C LEU B 111 8.45 3.19 -18.86
N TRP B 112 8.67 3.04 -20.16
CA TRP B 112 8.13 1.92 -20.93
C TRP B 112 6.62 1.71 -20.81
N GLU B 113 6.19 0.57 -20.26
CA GLU B 113 4.76 0.30 -20.14
C GLU B 113 4.06 1.40 -19.33
N GLY B 114 4.78 1.96 -18.35
CA GLY B 114 4.20 3.01 -17.54
C GLY B 114 3.86 4.26 -18.33
N ALA B 115 4.65 4.54 -19.36
CA ALA B 115 4.42 5.71 -20.19
C ALA B 115 3.27 5.46 -21.16
N VAL B 116 3.15 4.23 -21.64
CA VAL B 116 2.11 3.87 -22.59
C VAL B 116 0.77 3.63 -21.89
N ARG B 117 0.82 3.10 -20.66
CA ARG B 117 -0.41 2.82 -19.91
C ARG B 117 -0.41 3.51 -18.55
N PRO B 118 -0.62 4.84 -18.54
CA PRO B 118 -0.65 5.62 -17.31
C PRO B 118 -1.65 5.04 -16.31
N GLY B 119 -1.22 4.85 -15.07
CA GLY B 119 -2.10 4.31 -14.06
C GLY B 119 -2.18 2.80 -14.01
N HIS B 120 -1.63 2.13 -15.03
CA HIS B 120 -1.67 0.67 -15.08
C HIS B 120 -0.99 0.01 -13.89
N PHE B 121 0.22 0.44 -13.56
CA PHE B 121 0.96 -0.17 -12.46
C PHE B 121 0.40 0.13 -11.07
N GLN B 122 -0.38 1.18 -10.93
CA GLN B 122 -1.00 1.48 -9.64
C GLN B 122 -2.13 0.46 -9.47
N GLY B 123 -2.77 0.10 -10.57
CA GLY B 123 -3.84 -0.87 -10.52
C GLY B 123 -3.29 -2.24 -10.19
N VAL B 124 -2.13 -2.57 -10.74
CA VAL B 124 -1.50 -3.85 -10.49
C VAL B 124 -1.03 -3.91 -9.05
N ALA B 125 -0.27 -2.89 -8.63
CA ALA B 125 0.25 -2.84 -7.27
C ALA B 125 -0.87 -2.95 -6.23
N THR B 126 -1.97 -2.25 -6.48
CA THR B 126 -3.09 -2.26 -5.56
C THR B 126 -3.72 -3.65 -5.44
N VAL B 127 -4.02 -4.30 -6.56
CA VAL B 127 -4.63 -5.62 -6.51
C VAL B 127 -3.67 -6.68 -5.97
N VAL B 128 -2.38 -6.56 -6.29
CA VAL B 128 -1.42 -7.55 -5.79
C VAL B 128 -1.26 -7.41 -4.28
N ALA B 129 -1.18 -6.16 -3.81
CA ALA B 129 -1.04 -5.92 -2.38
C ALA B 129 -2.23 -6.55 -1.65
N ARG B 130 -3.44 -6.30 -2.15
CA ARG B 130 -4.63 -6.87 -1.52
C ARG B 130 -4.60 -8.40 -1.56
N LEU B 131 -4.28 -8.97 -2.72
CA LEU B 131 -4.22 -10.42 -2.84
C LEU B 131 -3.19 -11.03 -1.88
N PHE B 132 -2.02 -10.40 -1.77
CA PHE B 132 -0.98 -10.88 -0.85
C PHE B 132 -1.47 -10.85 0.59
N LEU B 133 -2.25 -9.82 0.93
CA LEU B 133 -2.76 -9.69 2.29
C LEU B 133 -3.87 -10.69 2.60
N LEU B 134 -4.68 -11.00 1.60
CA LEU B 134 -5.78 -11.95 1.76
C LEU B 134 -5.26 -13.39 1.75
N VAL B 135 -4.28 -13.67 0.91
CA VAL B 135 -3.72 -15.01 0.79
C VAL B 135 -2.57 -15.33 1.74
N GLN B 136 -1.76 -14.32 2.07
CA GLN B 136 -0.62 -14.52 2.97
C GLN B 136 0.27 -15.65 2.45
N PRO B 137 0.70 -15.58 1.18
CA PRO B 137 1.56 -16.63 0.60
C PRO B 137 3.01 -16.58 1.05
N GLN B 138 3.68 -17.74 0.99
CA GLN B 138 5.10 -17.81 1.31
C GLN B 138 5.82 -17.37 0.03
N ARG B 139 5.30 -17.84 -1.10
CA ARG B 139 5.84 -17.51 -2.42
C ARG B 139 4.74 -17.15 -3.40
N ALA B 140 5.02 -16.20 -4.29
CA ALA B 140 4.07 -15.76 -5.32
C ALA B 140 4.80 -15.85 -6.66
N TYR B 141 4.14 -16.43 -7.66
CA TYR B 141 4.79 -16.60 -8.96
C TYR B 141 4.29 -15.67 -10.05
N PHE B 142 5.22 -15.13 -10.83
CA PHE B 142 4.92 -14.21 -11.92
C PHE B 142 5.70 -14.58 -13.18
N GLY B 143 5.14 -14.26 -14.34
CA GLY B 143 5.82 -14.57 -15.59
C GLY B 143 6.79 -13.48 -16.01
N GLU B 144 7.93 -13.87 -16.56
CA GLU B 144 8.92 -12.89 -16.99
C GLU B 144 8.47 -12.13 -18.24
N LYS B 145 7.41 -12.61 -18.90
CA LYS B 145 6.91 -11.94 -20.09
C LYS B 145 6.58 -10.49 -19.73
N ASP B 146 5.98 -10.33 -18.55
CA ASP B 146 5.62 -9.01 -18.04
C ASP B 146 6.75 -8.65 -17.08
N TYR B 147 7.94 -8.47 -17.63
CA TYR B 147 9.14 -8.19 -16.86
C TYR B 147 9.03 -6.96 -15.95
N GLN B 148 8.55 -5.86 -16.50
CA GLN B 148 8.39 -4.63 -15.73
C GLN B 148 7.44 -4.85 -14.55
N GLN B 149 6.35 -5.55 -14.78
CA GLN B 149 5.39 -5.85 -13.72
C GLN B 149 6.08 -6.63 -12.61
N LEU B 150 6.93 -7.59 -13.01
CA LEU B 150 7.67 -8.41 -12.06
C LEU B 150 8.54 -7.52 -11.17
N LEU B 151 9.27 -6.61 -11.78
CA LEU B 151 10.13 -5.71 -11.01
C LEU B 151 9.31 -4.77 -10.11
N VAL B 152 8.15 -4.33 -10.60
CA VAL B 152 7.31 -3.44 -9.81
C VAL B 152 6.81 -4.16 -8.56
N VAL B 153 6.38 -5.41 -8.72
CA VAL B 153 5.90 -6.18 -7.58
C VAL B 153 7.05 -6.40 -6.60
N ARG B 154 8.24 -6.71 -7.12
CA ARG B 154 9.39 -6.92 -6.26
C ARG B 154 9.72 -5.65 -5.47
N ARG B 155 9.65 -4.51 -6.15
CA ARG B 155 9.92 -3.23 -5.49
C ARG B 155 8.91 -2.97 -4.37
N MET B 156 7.64 -3.17 -4.67
CA MET B 156 6.59 -2.96 -3.67
C MET B 156 6.80 -3.90 -2.48
N VAL B 157 7.15 -5.14 -2.77
CA VAL B 157 7.39 -6.12 -1.72
C VAL B 157 8.57 -5.69 -0.84
N ARG B 158 9.69 -5.37 -1.47
CA ARG B 158 10.87 -4.93 -0.75
C ARG B 158 10.62 -3.66 0.06
N ASP B 159 9.95 -2.69 -0.55
CA ASP B 159 9.67 -1.42 0.12
C ASP B 159 8.73 -1.52 1.32
N LEU B 160 7.58 -2.16 1.13
CA LEU B 160 6.60 -2.27 2.19
C LEU B 160 6.88 -3.39 3.19
N GLY B 161 7.74 -4.34 2.82
CA GLY B 161 8.07 -5.41 3.73
C GLY B 161 7.18 -6.64 3.73
N PHE B 162 6.53 -6.91 2.61
CA PHE B 162 5.69 -8.10 2.51
C PHE B 162 6.58 -9.31 2.72
N PRO B 163 6.17 -10.26 3.59
CA PRO B 163 7.01 -11.44 3.82
C PRO B 163 6.71 -12.47 2.74
N VAL B 164 6.87 -12.06 1.49
CA VAL B 164 6.60 -12.90 0.33
C VAL B 164 7.77 -12.98 -0.63
N GLU B 165 8.15 -14.20 -1.01
CA GLU B 165 9.24 -14.38 -1.97
C GLU B 165 8.62 -14.36 -3.37
N VAL B 166 8.97 -13.34 -4.16
CA VAL B 166 8.43 -13.19 -5.51
C VAL B 166 9.30 -13.95 -6.52
N VAL B 167 8.71 -14.96 -7.16
CA VAL B 167 9.43 -15.78 -8.12
C VAL B 167 9.06 -15.46 -9.57
N GLY B 168 10.08 -15.22 -10.40
CA GLY B 168 9.85 -14.94 -11.80
C GLY B 168 10.11 -16.22 -12.58
N VAL B 169 9.22 -16.54 -13.51
CA VAL B 169 9.35 -17.76 -14.31
C VAL B 169 9.55 -17.43 -15.79
N PRO B 170 10.53 -18.09 -16.44
CA PRO B 170 10.78 -17.84 -17.86
C PRO B 170 9.51 -17.90 -18.71
N THR B 171 9.52 -17.11 -19.78
CA THR B 171 8.39 -17.02 -20.68
C THR B 171 8.20 -18.28 -21.53
N VAL B 172 6.95 -18.72 -21.67
CA VAL B 172 6.65 -19.88 -22.50
C VAL B 172 6.34 -19.32 -23.89
N ARG B 173 6.93 -19.91 -24.92
CA ARG B 173 6.74 -19.43 -26.29
C ARG B 173 6.20 -20.48 -27.25
N GLU B 174 5.65 -19.99 -28.37
CA GLU B 174 5.11 -20.86 -29.41
C GLU B 174 6.35 -21.31 -30.19
N GLU B 175 6.18 -22.28 -31.08
CA GLU B 175 7.31 -22.77 -31.86
C GLU B 175 8.00 -21.65 -32.64
N ASP B 176 7.22 -20.66 -33.09
CA ASP B 176 7.80 -19.56 -33.84
C ASP B 176 8.39 -18.49 -32.92
N GLY B 177 8.24 -18.67 -31.61
CA GLY B 177 8.79 -17.71 -30.68
C GLY B 177 7.82 -16.74 -30.05
N LEU B 178 6.62 -16.62 -30.60
CA LEU B 178 5.63 -15.70 -30.04
C LEU B 178 5.35 -16.09 -28.59
N ALA B 179 5.58 -15.15 -27.67
CA ALA B 179 5.33 -15.40 -26.26
C ALA B 179 3.83 -15.59 -26.09
N LEU B 180 3.45 -16.58 -25.28
CA LEU B 180 2.04 -16.84 -25.03
C LEU B 180 1.42 -15.72 -24.20
N SER B 181 0.17 -15.41 -24.51
CA SER B 181 -0.55 -14.35 -23.81
C SER B 181 -2.03 -14.52 -24.12
N SER B 182 -2.86 -14.36 -23.10
CA SER B 182 -4.30 -14.50 -23.28
C SER B 182 -4.80 -13.55 -24.36
N ARG B 183 -4.09 -12.44 -24.55
CA ARG B 183 -4.48 -11.46 -25.56
C ARG B 183 -4.15 -11.86 -27.00
N ASN B 184 -3.38 -12.92 -27.17
CA ASN B 184 -3.01 -13.37 -28.51
C ASN B 184 -4.25 -13.81 -29.29
N VAL B 185 -5.32 -14.18 -28.57
CA VAL B 185 -6.55 -14.61 -29.22
C VAL B 185 -7.12 -13.50 -30.10
N TYR B 186 -6.75 -12.26 -29.80
CA TYR B 186 -7.20 -11.10 -30.57
C TYR B 186 -6.68 -11.16 -32.00
N LEU B 187 -5.47 -11.67 -32.16
CA LEU B 187 -4.81 -11.78 -33.45
C LEU B 187 -5.56 -12.57 -34.52
N SER B 188 -5.64 -11.99 -35.71
CA SER B 188 -6.29 -12.64 -36.83
C SER B 188 -5.26 -13.62 -37.38
N PRO B 189 -5.67 -14.55 -38.25
CA PRO B 189 -4.71 -15.51 -38.81
C PRO B 189 -3.53 -14.84 -39.51
N GLU B 190 -3.81 -13.71 -40.16
CA GLU B 190 -2.79 -12.97 -40.89
C GLU B 190 -1.81 -12.22 -39.99
N THR B 191 -2.32 -11.58 -38.94
CA THR B 191 -1.46 -10.84 -38.02
C THR B 191 -0.59 -11.79 -37.20
N ARG B 192 -1.13 -12.97 -36.92
CA ARG B 192 -0.40 -13.98 -36.15
C ARG B 192 0.90 -14.36 -36.85
N LYS B 193 0.92 -14.26 -38.17
CA LYS B 193 2.11 -14.59 -38.95
C LYS B 193 3.21 -13.56 -38.77
N LYS B 194 2.81 -12.31 -38.54
CA LYS B 194 3.76 -11.21 -38.37
C LYS B 194 4.15 -11.01 -36.92
N ALA B 195 3.34 -11.51 -36.00
CA ALA B 195 3.59 -11.37 -34.56
C ALA B 195 4.98 -11.81 -34.08
N PRO B 196 5.57 -12.85 -34.69
CA PRO B 196 6.89 -13.28 -34.24
C PRO B 196 8.00 -12.22 -34.36
N VAL B 197 7.67 -11.06 -34.91
CA VAL B 197 8.67 -10.00 -35.10
C VAL B 197 9.26 -9.45 -33.80
N LEU B 198 8.48 -9.41 -32.72
CA LEU B 198 9.00 -8.90 -31.46
C LEU B 198 10.15 -9.79 -30.98
N TYR B 199 9.89 -11.08 -30.87
CA TYR B 199 10.91 -12.03 -30.44
C TYR B 199 12.11 -12.01 -31.40
N ARG B 200 11.82 -11.86 -32.67
CA ARG B 200 12.85 -11.82 -33.70
C ARG B 200 13.80 -10.64 -33.45
N ALA B 201 13.21 -9.47 -33.18
CA ALA B 201 14.00 -8.27 -32.93
C ALA B 201 14.88 -8.49 -31.69
N LEU B 202 14.30 -9.05 -30.64
CA LEU B 202 15.04 -9.31 -29.41
C LEU B 202 16.21 -10.24 -29.65
N LEU B 203 16.00 -11.29 -30.45
CA LEU B 203 17.07 -12.24 -30.75
C LEU B 203 18.18 -11.57 -31.55
N ALA B 204 17.80 -10.64 -32.43
CA ALA B 204 18.78 -9.93 -33.24
C ALA B 204 19.73 -9.14 -32.35
N MET B 205 19.18 -8.56 -31.29
CA MET B 205 20.00 -7.80 -30.36
C MET B 205 20.91 -8.73 -29.57
N ARG B 206 20.36 -9.83 -29.06
CA ARG B 206 21.16 -10.78 -28.30
C ARG B 206 22.30 -11.29 -29.16
N GLU B 207 22.02 -11.49 -30.45
CA GLU B 207 23.03 -11.98 -31.38
C GLU B 207 24.20 -11.02 -31.47
N VAL B 208 23.91 -9.73 -31.66
CA VAL B 208 24.97 -8.73 -31.74
C VAL B 208 25.78 -8.73 -30.45
N ALA B 209 25.09 -8.76 -29.32
CA ALA B 209 25.75 -8.76 -28.01
C ALA B 209 26.69 -9.95 -27.90
N GLY B 210 26.28 -11.09 -28.46
CA GLY B 210 27.11 -12.28 -28.40
C GLY B 210 28.31 -12.19 -29.32
N GLN B 211 28.17 -11.45 -30.41
CA GLN B 211 29.25 -11.28 -31.38
C GLN B 211 30.24 -10.19 -30.95
N GLY B 212 29.98 -9.58 -29.80
CA GLY B 212 30.87 -8.54 -29.31
C GLY B 212 30.47 -7.13 -29.69
N GLY B 213 29.26 -6.96 -30.23
CA GLY B 213 28.79 -5.66 -30.63
C GLY B 213 28.49 -4.77 -29.44
N SER B 214 28.37 -3.46 -29.68
CA SER B 214 28.07 -2.51 -28.62
C SER B 214 26.57 -2.46 -28.39
N VAL B 215 26.15 -1.82 -27.29
CA VAL B 215 24.74 -1.70 -27.00
C VAL B 215 24.03 -1.00 -28.17
N ALA B 216 24.65 0.08 -28.67
CA ALA B 216 24.08 0.83 -29.78
C ALA B 216 23.90 -0.05 -31.01
N GLU B 217 24.93 -0.84 -31.34
CA GLU B 217 24.88 -1.74 -32.48
C GLU B 217 23.78 -2.77 -32.32
N ALA B 218 23.55 -3.22 -31.07
CA ALA B 218 22.52 -4.20 -30.81
C ALA B 218 21.15 -3.58 -31.06
N LEU B 219 20.97 -2.34 -30.61
CA LEU B 219 19.70 -1.63 -30.81
C LEU B 219 19.40 -1.48 -32.29
N ARG B 220 20.41 -1.17 -33.07
CA ARG B 220 20.24 -1.00 -34.51
C ARG B 220 19.71 -2.28 -35.13
N ALA B 221 20.35 -3.39 -34.81
CA ALA B 221 19.94 -4.70 -35.32
C ALA B 221 18.49 -4.97 -34.97
N GLY B 222 18.10 -4.57 -33.76
CA GLY B 222 16.73 -4.77 -33.33
C GLY B 222 15.76 -3.88 -34.07
N GLU B 223 16.15 -2.63 -34.30
CA GLU B 223 15.31 -1.68 -35.02
C GLU B 223 15.03 -2.19 -36.43
N GLU B 224 16.07 -2.65 -37.10
CA GLU B 224 15.95 -3.18 -38.46
C GLU B 224 14.92 -4.31 -38.52
N ALA B 225 14.98 -5.22 -37.55
CA ALA B 225 14.06 -6.34 -37.53
C ALA B 225 12.60 -5.86 -37.49
N LEU B 226 12.34 -4.86 -36.65
CA LEU B 226 11.00 -4.31 -36.52
C LEU B 226 10.55 -3.58 -37.79
N ARG B 227 11.49 -2.85 -38.39
CA ARG B 227 11.21 -2.07 -39.59
C ARG B 227 10.71 -2.93 -40.75
N ALA B 228 11.08 -4.21 -40.76
CA ALA B 228 10.67 -5.13 -41.81
C ALA B 228 9.18 -5.48 -41.72
N VAL B 229 8.55 -5.07 -40.62
CA VAL B 229 7.13 -5.33 -40.41
C VAL B 229 6.43 -4.03 -40.00
N PRO B 230 6.19 -3.12 -40.97
CA PRO B 230 5.54 -1.83 -40.75
C PRO B 230 4.14 -1.89 -40.14
N GLU B 231 3.49 -3.04 -40.25
CA GLU B 231 2.15 -3.20 -39.69
C GLU B 231 2.26 -3.07 -38.16
N PHE B 232 3.44 -3.38 -37.64
CA PHE B 232 3.70 -3.31 -36.21
C PHE B 232 4.13 -1.90 -35.81
N ARG B 233 3.26 -1.21 -35.07
CA ARG B 233 3.56 0.14 -34.61
C ARG B 233 4.30 0.07 -33.28
N LYS B 234 5.59 0.35 -33.32
CA LYS B 234 6.42 0.28 -32.12
C LYS B 234 6.14 1.34 -31.05
N ASP B 235 6.12 0.91 -29.79
CA ASP B 235 5.94 1.83 -28.67
C ASP B 235 7.34 2.16 -28.20
N TYR B 236 8.15 1.11 -28.01
CA TYR B 236 9.53 1.26 -27.58
C TYR B 236 10.37 0.01 -27.84
N LEU B 237 11.67 0.19 -27.91
CA LEU B 237 12.63 -0.88 -28.11
C LEU B 237 13.90 -0.43 -27.42
N ALA B 238 14.32 -1.16 -26.40
CA ALA B 238 15.51 -0.76 -25.66
C ALA B 238 16.25 -1.92 -24.98
N ILE B 239 17.46 -1.61 -24.51
CA ILE B 239 18.30 -2.55 -23.79
C ILE B 239 18.49 -1.84 -22.44
N VAL B 240 17.90 -2.40 -21.39
CA VAL B 240 17.92 -1.78 -20.08
C VAL B 240 18.54 -2.59 -18.94
N HIS B 241 18.80 -1.89 -17.83
CA HIS B 241 19.37 -2.51 -16.65
C HIS B 241 18.33 -3.48 -16.11
N PRO B 242 18.75 -4.71 -15.73
CA PRO B 242 17.82 -5.71 -15.22
C PRO B 242 17.02 -5.37 -13.97
N GLU B 243 17.50 -4.41 -13.19
CA GLU B 243 16.79 -4.03 -11.97
C GLU B 243 16.14 -2.64 -12.02
N THR B 244 16.78 -1.70 -12.68
CA THR B 244 16.24 -0.33 -12.74
C THR B 244 15.46 -0.01 -14.01
N LEU B 245 15.67 -0.82 -15.04
CA LEU B 245 15.02 -0.63 -16.33
C LEU B 245 15.46 0.66 -17.01
N LEU B 246 16.60 1.19 -16.58
CA LEU B 246 17.12 2.40 -17.20
C LEU B 246 17.91 1.99 -18.43
N PRO B 247 17.86 2.80 -19.49
CA PRO B 247 18.61 2.47 -20.70
C PRO B 247 20.07 2.30 -20.32
N LEU B 248 20.75 1.34 -20.94
CA LEU B 248 22.14 1.09 -20.62
C LEU B 248 23.11 1.88 -21.48
N SER B 249 24.15 2.39 -20.82
CA SER B 249 25.19 3.14 -21.51
C SER B 249 26.24 2.10 -21.92
N ASP B 250 26.23 0.96 -21.24
CA ASP B 250 27.16 -0.13 -21.52
C ASP B 250 26.58 -1.44 -20.99
N TRP B 251 27.11 -2.56 -21.43
CA TRP B 251 26.60 -3.87 -21.00
C TRP B 251 26.82 -4.18 -19.52
N VAL B 252 25.85 -4.88 -18.95
CA VAL B 252 25.91 -5.34 -17.56
C VAL B 252 25.27 -6.72 -17.60
N ALA B 253 25.72 -7.61 -16.73
CA ALA B 253 25.17 -8.95 -16.69
C ALA B 253 23.66 -8.84 -16.47
N GLY B 254 22.90 -9.54 -17.30
CA GLY B 254 21.45 -9.49 -17.15
C GLY B 254 20.78 -8.41 -17.98
N ALA B 255 21.56 -7.71 -18.79
CA ALA B 255 21.02 -6.65 -19.64
C ALA B 255 19.75 -7.20 -20.30
N ARG B 256 18.67 -6.43 -20.21
CA ARG B 256 17.38 -6.86 -20.73
C ARG B 256 16.88 -6.11 -21.96
N GLY B 257 16.59 -6.85 -23.02
CA GLY B 257 16.05 -6.22 -24.22
C GLY B 257 14.54 -6.20 -24.04
N ILE B 258 13.91 -5.07 -24.28
CA ILE B 258 12.47 -4.98 -24.13
C ILE B 258 11.83 -4.34 -25.36
N VAL B 259 10.66 -4.82 -25.73
CA VAL B 259 9.97 -4.28 -26.90
C VAL B 259 8.46 -4.33 -26.71
N ALA B 260 7.77 -3.41 -27.37
CA ALA B 260 6.32 -3.32 -27.27
C ALA B 260 5.82 -2.54 -28.47
N GLY B 261 4.59 -2.83 -28.87
CA GLY B 261 4.01 -2.14 -30.01
C GLY B 261 2.63 -2.70 -30.27
N ARG B 262 1.99 -2.29 -31.36
CA ARG B 262 0.67 -2.82 -31.59
C ARG B 262 0.27 -2.97 -33.05
N PHE B 263 -0.52 -4.01 -33.29
CA PHE B 263 -1.05 -4.26 -34.61
C PHE B 263 -2.45 -3.66 -34.45
N PRO B 264 -3.19 -3.53 -35.55
CA PRO B 264 -4.54 -2.97 -35.45
C PRO B 264 -5.45 -3.57 -34.38
N GLU B 265 -5.47 -4.89 -34.25
CA GLU B 265 -6.36 -5.53 -33.29
C GLU B 265 -5.78 -5.92 -31.93
N ALA B 266 -4.50 -5.63 -31.69
CA ALA B 266 -3.91 -5.99 -30.41
C ALA B 266 -2.52 -5.45 -30.18
N ARG B 267 -2.20 -5.20 -28.92
CA ARG B 267 -0.90 -4.70 -28.53
C ARG B 267 -0.08 -5.86 -27.94
N LEU B 268 1.19 -5.93 -28.31
CA LEU B 268 2.06 -7.00 -27.83
C LEU B 268 3.35 -6.49 -27.19
N ILE B 269 3.86 -7.24 -26.22
CA ILE B 269 5.10 -6.88 -25.56
C ILE B 269 5.94 -8.13 -25.35
N ASP B 270 7.25 -7.97 -25.25
CA ASP B 270 8.15 -9.09 -25.06
C ASP B 270 9.49 -8.57 -24.54
N ASN B 271 10.28 -9.46 -23.97
CA ASN B 271 11.58 -9.08 -23.44
C ASN B 271 12.45 -10.32 -23.36
N LEU B 272 13.76 -10.11 -23.26
CA LEU B 272 14.69 -11.22 -23.20
C LEU B 272 16.04 -10.76 -22.68
N GLU B 273 16.75 -11.64 -21.98
CA GLU B 273 18.08 -11.29 -21.48
C GLU B 273 19.00 -11.30 -22.69
N VAL B 274 19.66 -10.19 -22.95
CA VAL B 274 20.54 -10.09 -24.11
C VAL B 274 22.02 -10.26 -23.79
N TYR B 275 22.39 -10.05 -22.52
CA TYR B 275 23.78 -10.19 -22.11
C TYR B 275 23.82 -10.83 -20.72
N PRO B 276 24.80 -11.73 -20.47
CA PRO B 276 25.85 -12.19 -21.38
C PRO B 276 25.33 -13.13 -22.46
#